data_6XFO
#
_entry.id   6XFO
#
_cell.length_a   72.230
_cell.length_b   83.330
_cell.length_c   86.620
_cell.angle_alpha   90.000
_cell.angle_beta   90.000
_cell.angle_gamma   90.000
#
_symmetry.space_group_name_H-M   'P 21 21 21'
#
loop_
_entity.id
_entity.type
_entity.pdbx_description
1 polymer D14
2 non-polymer 'MAGNESIUM ION'
3 non-polymer 'ACETATE ION'
4 water water
#
_entity_poly.entity_id   1
_entity_poly.type   'polypeptide(L)'
_entity_poly.pdbx_seq_one_letter_code
;MVQSLLEALNVRVVGSGEKVLVLAHGVGTDQSAWQRILPYFVRDHRVVLYDLVCAGSVNPDYFDFRRYTSLDAFVDDLLA
ILDALRLGRCTYVGHSVSASIGILASIRRPDLFAKLILIGASPRFLNDKNYHGGFADGEIDTVFAAMEANYAAWVSGFAP
LAVGADVPEAVREFSRTLFNMRPDITLFVSRMVFNSDLRGVLGLVTVPCSVLQTSKDHSVPESMAAYLKENLGGRTTVHM
LDIEGHLPHLSAPNLLAQELRRALPR
;
_entity_poly.pdbx_strand_id   A,B
#
# COMPACT_ATOMS: atom_id res chain seq x y z
N GLN A 3 -19.94 15.92 -36.28
CA GLN A 3 -20.77 15.07 -35.36
C GLN A 3 -21.58 15.98 -34.43
N SER A 4 -22.76 15.53 -33.98
CA SER A 4 -23.48 16.06 -32.78
C SER A 4 -22.68 15.67 -31.52
N LEU A 5 -22.88 16.34 -30.39
CA LEU A 5 -22.34 15.90 -29.09
C LEU A 5 -22.70 14.42 -28.81
N LEU A 6 -23.96 14.02 -29.05
CA LEU A 6 -24.35 12.59 -28.76
C LEU A 6 -23.51 11.62 -29.61
N GLU A 7 -23.24 11.94 -30.86
CA GLU A 7 -22.41 11.10 -31.71
C GLU A 7 -20.95 11.15 -31.27
N ALA A 8 -20.44 12.32 -30.95
CA ALA A 8 -19.00 12.49 -30.61
C ALA A 8 -18.62 11.66 -29.41
N LEU A 9 -19.52 11.59 -28.41
CA LEU A 9 -19.18 10.93 -27.15
C LEU A 9 -19.88 9.56 -27.12
N ASN A 10 -20.28 9.04 -28.30
CA ASN A 10 -20.72 7.62 -28.45
C ASN A 10 -21.85 7.34 -27.47
N VAL A 11 -22.79 8.26 -27.37
CA VAL A 11 -23.94 8.03 -26.41
C VAL A 11 -24.78 6.87 -26.93
N ARG A 12 -25.22 6.03 -26.00
CA ARG A 12 -26.00 4.80 -26.34
C ARG A 12 -27.04 4.76 -25.27
N VAL A 13 -28.26 4.42 -25.67
CA VAL A 13 -29.34 4.15 -24.73
C VAL A 13 -29.84 2.73 -24.99
N VAL A 14 -29.81 1.89 -23.96
CA VAL A 14 -30.15 0.44 -24.14
C VAL A 14 -31.07 0.02 -23.01
N GLY A 15 -31.96 -0.90 -23.30
CA GLY A 15 -32.87 -1.43 -22.27
C GLY A 15 -34.29 -0.97 -22.49
N SER A 16 -35.24 -1.61 -21.80
CA SER A 16 -36.69 -1.51 -22.15
C SER A 16 -37.50 -0.77 -21.08
N GLY A 17 -36.95 -0.52 -19.88
CA GLY A 17 -37.78 -0.08 -18.75
C GLY A 17 -38.08 1.41 -18.74
N GLU A 18 -38.76 1.90 -17.69
CA GLU A 18 -39.09 3.33 -17.52
C GLU A 18 -38.04 4.00 -16.62
N LYS A 19 -37.45 3.27 -15.67
CA LYS A 19 -36.43 3.86 -14.77
C LYS A 19 -35.22 4.21 -15.64
N VAL A 20 -34.51 5.32 -15.37
CA VAL A 20 -33.34 5.73 -16.18
C VAL A 20 -32.10 5.48 -15.31
N LEU A 21 -31.10 4.81 -15.88
CA LEU A 21 -29.82 4.55 -15.17
C LEU A 21 -28.72 5.08 -16.06
N VAL A 22 -27.81 5.87 -15.53
CA VAL A 22 -26.66 6.41 -16.29
C VAL A 22 -25.41 5.80 -15.76
N LEU A 23 -24.62 5.18 -16.63
CA LEU A 23 -23.35 4.51 -16.23
C LEU A 23 -22.26 5.36 -16.80
N ALA A 24 -21.36 5.87 -15.95
CA ALA A 24 -20.34 6.83 -16.36
C ALA A 24 -18.99 6.33 -15.88
N HIS A 25 -18.10 6.01 -16.85
CA HIS A 25 -16.80 5.41 -16.64
C HIS A 25 -15.74 6.40 -16.19
N GLY A 26 -14.61 5.84 -15.76
CA GLY A 26 -13.46 6.60 -15.26
C GLY A 26 -12.33 6.81 -16.28
N VAL A 27 -11.30 7.52 -15.89
CA VAL A 27 -10.11 7.65 -16.78
C VAL A 27 -9.48 6.29 -16.99
N GLY A 28 -9.13 6.02 -18.26
CA GLY A 28 -8.42 4.81 -18.61
C GLY A 28 -9.34 3.75 -19.18
N THR A 29 -10.67 3.93 -19.01
CA THR A 29 -11.70 3.01 -19.52
C THR A 29 -12.55 3.73 -20.54
N ASP A 30 -13.56 3.07 -21.04
CA ASP A 30 -14.60 3.73 -21.82
C ASP A 30 -15.89 3.00 -21.43
N GLN A 31 -16.98 3.27 -22.12
CA GLN A 31 -18.28 2.71 -21.68
C GLN A 31 -18.30 1.18 -21.71
N SER A 32 -17.47 0.56 -22.55
CA SER A 32 -17.43 -0.91 -22.60
C SER A 32 -17.03 -1.52 -21.25
N ALA A 33 -16.52 -0.73 -20.31
CA ALA A 33 -16.20 -1.23 -18.94
C ALA A 33 -17.47 -1.70 -18.24
N TRP A 34 -18.61 -1.21 -18.66
CA TRP A 34 -19.93 -1.60 -18.11
C TRP A 34 -20.55 -2.83 -18.75
N GLN A 35 -19.92 -3.39 -19.75
CA GLN A 35 -20.58 -4.41 -20.59
C GLN A 35 -21.14 -5.55 -19.75
N ARG A 36 -20.43 -6.10 -18.76
CA ARG A 36 -20.89 -7.26 -18.00
C ARG A 36 -21.87 -6.86 -16.88
N ILE A 37 -22.07 -5.56 -16.60
CA ILE A 37 -23.11 -5.05 -15.64
C ILE A 37 -24.44 -4.98 -16.38
N LEU A 38 -24.46 -4.63 -17.65
CA LEU A 38 -25.70 -4.32 -18.41
C LEU A 38 -26.77 -5.41 -18.27
N PRO A 39 -26.44 -6.73 -18.27
CA PRO A 39 -27.48 -7.76 -18.21
C PRO A 39 -28.39 -7.68 -16.99
N TYR A 40 -27.87 -7.03 -15.96
CA TYR A 40 -28.55 -6.95 -14.65
C TYR A 40 -29.55 -5.82 -14.66
N PHE A 41 -29.54 -4.88 -15.63
CA PHE A 41 -30.35 -3.65 -15.56
C PHE A 41 -31.21 -3.38 -16.78
N VAL A 42 -30.92 -4.00 -17.92
CA VAL A 42 -31.56 -3.56 -19.22
C VAL A 42 -33.00 -4.03 -19.36
N ARG A 43 -33.47 -4.92 -18.50
CA ARG A 43 -34.87 -5.40 -18.61
CA ARG A 43 -34.86 -5.45 -18.56
C ARG A 43 -35.79 -4.52 -17.76
N ASP A 44 -35.25 -3.65 -16.95
CA ASP A 44 -36.18 -2.76 -16.19
C ASP A 44 -35.66 -1.34 -16.12
N HIS A 45 -34.57 -1.02 -16.83
CA HIS A 45 -34.11 0.38 -17.01
C HIS A 45 -33.94 0.72 -18.47
N ARG A 46 -33.96 2.00 -18.80
CA ARG A 46 -33.28 2.57 -20.01
C ARG A 46 -31.92 3.01 -19.49
N VAL A 47 -30.87 2.38 -19.95
CA VAL A 47 -29.48 2.57 -19.45
C VAL A 47 -28.76 3.52 -20.43
N VAL A 48 -28.29 4.64 -19.93
CA VAL A 48 -27.55 5.63 -20.75
C VAL A 48 -26.07 5.39 -20.53
N LEU A 49 -25.33 5.19 -21.63
CA LEU A 49 -23.89 5.07 -21.54
C LEU A 49 -23.31 6.22 -22.38
N TYR A 50 -22.13 6.68 -22.01
CA TYR A 50 -21.38 7.61 -22.90
C TYR A 50 -19.92 7.51 -22.58
N ASP A 51 -19.08 7.98 -23.51
CA ASP A 51 -17.65 8.01 -23.27
C ASP A 51 -17.25 9.43 -22.87
N LEU A 52 -16.43 9.59 -21.84
CA LEU A 52 -15.75 10.87 -21.54
C LEU A 52 -14.93 11.27 -22.77
N VAL A 53 -14.71 12.57 -22.95
CA VAL A 53 -13.98 13.04 -24.13
C VAL A 53 -12.58 12.48 -24.18
N CYS A 54 -11.99 12.10 -23.05
CA CYS A 54 -10.61 11.56 -22.99
C CYS A 54 -10.59 10.05 -23.36
N ALA A 55 -11.71 9.40 -23.51
CA ALA A 55 -11.72 7.98 -23.90
C ALA A 55 -11.02 7.82 -25.27
N GLY A 56 -10.33 6.66 -25.45
CA GLY A 56 -9.65 6.37 -26.66
C GLY A 56 -10.62 6.05 -27.80
N SER A 57 -11.86 5.79 -27.49
CA SER A 57 -12.96 5.54 -28.46
C SER A 57 -13.54 6.82 -28.98
N VAL A 58 -13.13 7.97 -28.45
CA VAL A 58 -13.62 9.28 -28.93
C VAL A 58 -12.51 9.85 -29.84
N ASN A 59 -12.89 10.45 -30.90
CA ASN A 59 -11.96 11.11 -31.87
C ASN A 59 -11.03 12.01 -31.07
N PRO A 60 -9.68 11.80 -31.13
CA PRO A 60 -8.74 12.60 -30.32
C PRO A 60 -8.74 14.09 -30.70
N ASP A 61 -9.34 14.42 -31.82
CA ASP A 61 -9.50 15.84 -32.31
C ASP A 61 -10.40 16.57 -31.32
N TYR A 62 -11.29 15.86 -30.61
CA TYR A 62 -12.23 16.57 -29.72
C TYR A 62 -11.53 17.00 -28.44
N PHE A 63 -10.39 16.44 -28.05
CA PHE A 63 -9.81 16.73 -26.72
C PHE A 63 -9.06 18.07 -26.81
N ASP A 64 -9.76 19.14 -26.52
CA ASP A 64 -9.20 20.52 -26.63
C ASP A 64 -8.63 20.89 -25.27
N PHE A 65 -7.30 20.97 -25.18
CA PHE A 65 -6.59 21.24 -23.92
C PHE A 65 -6.99 22.59 -23.36
N ARG A 66 -7.49 23.50 -24.20
CA ARG A 66 -7.89 24.85 -23.70
C ARG A 66 -9.21 24.72 -22.98
N ARG A 67 -10.03 23.70 -23.32
CA ARG A 67 -11.40 23.64 -22.74
C ARG A 67 -11.41 22.73 -21.50
N TYR A 68 -10.73 21.61 -21.56
CA TYR A 68 -10.83 20.55 -20.54
C TYR A 68 -9.74 20.72 -19.47
N THR A 69 -9.75 21.86 -18.79
CA THR A 69 -8.72 22.18 -17.78
C THR A 69 -9.21 21.98 -16.36
N SER A 70 -10.49 21.67 -16.19
CA SER A 70 -11.05 21.42 -14.86
C SER A 70 -12.17 20.38 -15.00
N LEU A 71 -12.63 19.80 -13.93
CA LEU A 71 -13.73 18.81 -14.01
C LEU A 71 -14.99 19.50 -14.51
N ASP A 72 -15.12 20.81 -14.28
CA ASP A 72 -16.37 21.51 -14.69
C ASP A 72 -16.65 21.41 -16.19
N ALA A 73 -15.61 21.31 -17.03
CA ALA A 73 -15.82 21.15 -18.46
C ALA A 73 -16.35 19.75 -18.78
N PHE A 74 -16.00 18.74 -17.97
CA PHE A 74 -16.55 17.39 -18.13
C PHE A 74 -18.03 17.40 -17.68
N VAL A 75 -18.33 18.13 -16.60
CA VAL A 75 -19.72 18.28 -16.10
C VAL A 75 -20.54 18.94 -17.18
N ASP A 76 -20.01 19.94 -17.88
CA ASP A 76 -20.76 20.58 -18.98
C ASP A 76 -21.22 19.50 -20.00
N ASP A 77 -20.31 18.63 -20.39
CA ASP A 77 -20.63 17.59 -21.40
C ASP A 77 -21.70 16.65 -20.85
N LEU A 78 -21.60 16.23 -19.58
CA LEU A 78 -22.61 15.29 -19.01
C LEU A 78 -23.96 15.97 -19.04
N LEU A 79 -24.05 17.19 -18.53
CA LEU A 79 -25.36 17.90 -18.49
C LEU A 79 -25.90 18.13 -19.89
N ALA A 80 -25.06 18.45 -20.87
CA ALA A 80 -25.48 18.63 -22.27
C ALA A 80 -26.05 17.30 -22.79
N ILE A 81 -25.44 16.17 -22.49
CA ILE A 81 -25.97 14.86 -22.97
C ILE A 81 -27.31 14.58 -22.32
N LEU A 82 -27.42 14.81 -21.01
CA LEU A 82 -28.67 14.44 -20.32
C LEU A 82 -29.77 15.38 -20.84
N ASP A 83 -29.46 16.66 -21.07
CA ASP A 83 -30.48 17.60 -21.65
C ASP A 83 -30.88 17.17 -23.06
N ALA A 84 -29.96 16.72 -23.88
CA ALA A 84 -30.23 16.31 -25.27
C ALA A 84 -31.09 15.05 -25.30
N LEU A 85 -30.93 14.12 -24.34
CA LEU A 85 -31.63 12.82 -24.37
C LEU A 85 -33.03 12.97 -23.79
N ARG A 86 -33.26 13.99 -22.95
CA ARG A 86 -34.58 14.35 -22.40
C ARG A 86 -35.22 13.15 -21.69
N LEU A 87 -34.46 12.30 -21.01
CA LEU A 87 -35.03 11.13 -20.30
C LEU A 87 -35.46 11.53 -18.91
N GLY A 88 -35.06 12.73 -18.48
CA GLY A 88 -35.42 13.32 -17.19
C GLY A 88 -34.73 12.64 -16.00
N ARG A 89 -35.38 12.69 -14.84
CA ARG A 89 -34.83 12.30 -13.53
C ARG A 89 -34.20 10.90 -13.59
N CYS A 90 -32.96 10.77 -13.12
CA CYS A 90 -32.26 9.46 -13.32
C CYS A 90 -31.42 9.05 -12.14
N THR A 91 -31.05 7.79 -12.11
CA THR A 91 -30.04 7.30 -11.17
C THR A 91 -28.70 7.37 -11.91
N TYR A 92 -27.69 7.90 -11.26
CA TYR A 92 -26.38 8.08 -11.91
C TYR A 92 -25.30 7.31 -11.17
N VAL A 93 -24.63 6.43 -11.91
CA VAL A 93 -23.53 5.62 -11.35
C VAL A 93 -22.27 6.21 -11.94
N GLY A 94 -21.34 6.62 -11.08
CA GLY A 94 -20.08 7.22 -11.56
C GLY A 94 -18.91 6.48 -10.93
N HIS A 95 -17.97 6.04 -11.78
CA HIS A 95 -16.71 5.41 -11.36
C HIS A 95 -15.61 6.44 -11.36
N SER A 96 -14.91 6.56 -10.24
CA SER A 96 -13.67 7.33 -10.08
C SER A 96 -13.95 8.76 -10.55
N VAL A 97 -13.31 9.30 -11.58
CA VAL A 97 -13.51 10.73 -11.94
C VAL A 97 -15.00 10.93 -12.19
N SER A 98 -15.75 9.95 -12.71
CA SER A 98 -17.17 10.20 -12.98
C SER A 98 -18.00 10.25 -11.68
N ALA A 99 -17.48 9.77 -10.54
CA ALA A 99 -18.16 10.03 -9.25
C ALA A 99 -18.07 11.52 -8.95
N SER A 100 -16.90 12.12 -9.13
CA SER A 100 -16.68 13.56 -8.88
C SER A 100 -17.56 14.35 -9.86
N ILE A 101 -17.55 13.93 -11.15
CA ILE A 101 -18.37 14.63 -12.19
C ILE A 101 -19.83 14.58 -11.79
N GLY A 102 -20.32 13.43 -11.31
CA GLY A 102 -21.72 13.31 -10.86
C GLY A 102 -22.05 14.22 -9.65
N ILE A 103 -21.14 14.27 -8.68
CA ILE A 103 -21.32 15.16 -7.50
C ILE A 103 -21.52 16.59 -8.01
N LEU A 104 -20.60 17.07 -8.83
CA LEU A 104 -20.63 18.46 -9.32
C LEU A 104 -21.86 18.70 -10.20
N ALA A 105 -22.25 17.75 -11.06
CA ALA A 105 -23.45 17.87 -11.91
C ALA A 105 -24.69 17.98 -11.05
N SER A 106 -24.70 17.25 -9.94
CA SER A 106 -25.88 17.18 -9.04
C SER A 106 -26.05 18.48 -8.26
N ILE A 107 -24.98 19.23 -8.05
CA ILE A 107 -25.10 20.56 -7.41
C ILE A 107 -25.66 21.57 -8.42
N ARG A 108 -25.25 21.50 -9.67
CA ARG A 108 -25.75 22.42 -10.73
C ARG A 108 -27.19 22.10 -11.05
N ARG A 109 -27.58 20.83 -11.07
CA ARG A 109 -28.86 20.37 -11.62
C ARG A 109 -29.39 19.25 -10.74
N PRO A 110 -29.75 19.51 -9.47
CA PRO A 110 -30.21 18.43 -8.61
C PRO A 110 -31.49 17.76 -9.09
N ASP A 111 -32.33 18.50 -9.81
CA ASP A 111 -33.60 18.05 -10.43
C ASP A 111 -33.36 16.74 -11.21
N LEU A 112 -32.23 16.67 -11.92
CA LEU A 112 -31.96 15.60 -12.91
C LEU A 112 -31.65 14.29 -12.19
N PHE A 113 -31.28 14.30 -10.90
CA PHE A 113 -30.70 13.09 -10.25
C PHE A 113 -31.61 12.61 -9.11
N ALA A 114 -32.15 11.44 -9.24
CA ALA A 114 -32.84 10.75 -8.11
C ALA A 114 -31.84 10.32 -7.06
N LYS A 115 -30.69 9.86 -7.52
CA LYS A 115 -29.70 9.25 -6.60
C LYS A 115 -28.36 9.22 -7.32
N LEU A 116 -27.26 9.38 -6.59
CA LEU A 116 -25.90 9.10 -7.11
C LEU A 116 -25.40 7.81 -6.46
N ILE A 117 -24.76 6.93 -7.25
CA ILE A 117 -24.08 5.72 -6.76
C ILE A 117 -22.63 5.91 -7.14
N LEU A 118 -21.75 6.00 -6.15
CA LEU A 118 -20.36 6.41 -6.36
C LEU A 118 -19.46 5.23 -6.19
N ILE A 119 -18.63 4.92 -7.18
CA ILE A 119 -17.67 3.80 -7.02
C ILE A 119 -16.25 4.34 -7.12
N GLY A 120 -15.36 4.06 -6.15
CA GLY A 120 -14.01 4.59 -6.29
C GLY A 120 -13.97 6.11 -6.15
N ALA A 121 -14.87 6.69 -5.38
CA ALA A 121 -14.98 8.16 -5.27
C ALA A 121 -13.92 8.69 -4.34
N SER A 122 -13.34 9.83 -4.75
CA SER A 122 -12.43 10.59 -3.89
C SER A 122 -12.67 12.05 -4.23
N PRO A 123 -12.83 12.93 -3.25
CA PRO A 123 -12.91 14.37 -3.53
C PRO A 123 -11.55 15.05 -3.67
N ARG A 124 -10.48 14.36 -3.27
CA ARG A 124 -9.15 14.96 -3.34
C ARG A 124 -8.13 13.85 -3.10
N PHE A 125 -7.18 13.64 -4.00
CA PHE A 125 -6.18 12.57 -3.81
C PHE A 125 -5.01 12.99 -2.91
N LEU A 126 -4.60 14.26 -3.01
CA LEU A 126 -3.45 14.78 -2.24
C LEU A 126 -3.86 14.94 -0.76
N ASN A 127 -2.99 14.58 0.16
CA ASN A 127 -3.16 14.88 1.59
C ASN A 127 -3.23 16.38 1.77
N ASP A 128 -3.87 16.84 2.85
CA ASP A 128 -3.87 18.29 3.21
C ASP A 128 -3.73 18.33 4.73
N LYS A 129 -3.43 19.50 5.29
CA LYS A 129 -3.36 19.68 6.77
C LYS A 129 -4.68 19.08 7.32
N ASN A 130 -4.60 17.90 7.97
CA ASN A 130 -5.72 17.15 8.59
C ASN A 130 -6.73 16.63 7.54
N TYR A 131 -6.29 16.12 6.39
CA TYR A 131 -7.13 15.33 5.44
C TYR A 131 -6.27 14.24 4.80
N HIS A 132 -6.71 13.00 4.73
CA HIS A 132 -5.96 11.87 4.19
C HIS A 132 -6.55 11.48 2.83
N GLY A 133 -5.91 11.90 1.75
CA GLY A 133 -6.31 11.52 0.37
C GLY A 133 -5.64 10.25 -0.08
N GLY A 134 -4.45 9.98 0.45
CA GLY A 134 -3.74 8.76 0.08
C GLY A 134 -2.36 9.09 -0.48
N PHE A 135 -2.12 10.32 -0.92
CA PHE A 135 -0.87 10.68 -1.65
C PHE A 135 -0.20 11.87 -1.00
N ALA A 136 1.07 11.71 -0.65
CA ALA A 136 1.90 12.82 -0.11
C ALA A 136 2.41 13.65 -1.27
N ASP A 137 2.71 14.92 -1.02
CA ASP A 137 3.32 15.82 -2.02
C ASP A 137 4.51 15.09 -2.67
N GLY A 138 4.56 15.00 -4.00
CA GLY A 138 5.70 14.43 -4.75
C GLY A 138 5.48 12.95 -5.08
N GLU A 139 4.58 12.27 -4.37
CA GLU A 139 4.45 10.80 -4.47
C GLU A 139 4.01 10.42 -5.89
N ILE A 140 3.08 11.17 -6.48
CA ILE A 140 2.50 10.82 -7.80
C ILE A 140 3.55 11.02 -8.89
N ASP A 141 4.57 11.83 -8.64
CA ASP A 141 5.49 12.28 -9.70
C ASP A 141 6.06 11.06 -10.41
N THR A 142 6.37 9.97 -9.69
CA THR A 142 7.02 8.78 -10.29
CA THR A 142 7.04 8.80 -10.32
C THR A 142 6.05 8.15 -11.31
N VAL A 143 4.74 8.23 -11.03
CA VAL A 143 3.72 7.65 -11.96
C VAL A 143 3.72 8.49 -13.25
N PHE A 144 3.65 9.81 -13.14
CA PHE A 144 3.57 10.64 -14.36
C PHE A 144 4.92 10.61 -15.10
N ALA A 145 6.06 10.47 -14.39
CA ALA A 145 7.36 10.25 -15.05
C ALA A 145 7.33 8.95 -15.85
N ALA A 146 6.83 7.85 -15.28
CA ALA A 146 6.82 6.51 -15.94
C ALA A 146 5.91 6.54 -17.18
N MET A 147 4.80 7.21 -17.04
CA MET A 147 3.79 7.31 -18.10
C MET A 147 4.43 8.01 -19.30
N GLU A 148 5.11 9.11 -19.07
CA GLU A 148 5.74 9.92 -20.16
C GLU A 148 6.93 9.19 -20.74
N ALA A 149 7.71 8.49 -19.90
CA ALA A 149 8.98 7.84 -20.30
C ALA A 149 8.74 6.59 -21.17
N ASN A 150 7.70 5.80 -20.91
CA ASN A 150 7.53 4.51 -21.61
C ASN A 150 6.10 4.10 -21.31
N TYR A 151 5.16 4.67 -22.06
CA TYR A 151 3.73 4.45 -21.89
C TYR A 151 3.44 2.96 -21.84
N ALA A 152 3.98 2.18 -22.78
CA ALA A 152 3.63 0.77 -22.86
C ALA A 152 4.13 -0.01 -21.63
N ALA A 153 5.32 0.27 -21.14
CA ALA A 153 5.81 -0.35 -19.89
C ALA A 153 4.95 0.11 -18.72
N TRP A 154 4.50 1.35 -18.73
CA TRP A 154 3.68 1.89 -17.63
C TRP A 154 2.34 1.14 -17.64
N VAL A 155 1.68 1.02 -18.80
CA VAL A 155 0.38 0.31 -18.85
C VAL A 155 0.57 -1.14 -18.39
N SER A 156 1.63 -1.84 -18.82
CA SER A 156 1.85 -3.27 -18.55
C SER A 156 1.94 -3.49 -17.02
N GLY A 157 2.48 -2.53 -16.30
CA GLY A 157 2.60 -2.67 -14.83
C GLY A 157 1.39 -2.13 -14.11
N PHE A 158 0.77 -1.09 -14.63
CA PHE A 158 -0.36 -0.41 -13.95
C PHE A 158 -1.67 -1.19 -14.12
N ALA A 159 -1.97 -1.80 -15.26
CA ALA A 159 -3.27 -2.46 -15.47
C ALA A 159 -3.49 -3.58 -14.47
N PRO A 160 -2.52 -4.47 -14.19
CA PRO A 160 -2.69 -5.50 -13.15
C PRO A 160 -2.89 -4.91 -11.74
N LEU A 161 -2.24 -3.78 -11.46
CA LEU A 161 -2.30 -3.11 -10.11
C LEU A 161 -3.73 -2.58 -9.94
N ALA A 162 -4.25 -1.86 -10.94
CA ALA A 162 -5.60 -1.28 -10.94
C ALA A 162 -6.64 -2.39 -10.87
N VAL A 163 -6.51 -3.46 -11.64
CA VAL A 163 -7.50 -4.56 -11.54
C VAL A 163 -7.38 -5.21 -10.17
N GLY A 164 -6.18 -5.43 -9.66
CA GLY A 164 -5.95 -5.90 -8.27
C GLY A 164 -6.01 -7.42 -8.21
N ALA A 165 -7.21 -7.97 -8.31
CA ALA A 165 -7.46 -9.42 -8.41
C ALA A 165 -6.82 -9.98 -9.67
N ASP A 166 -6.55 -11.29 -9.71
CA ASP A 166 -5.90 -11.97 -10.84
C ASP A 166 -7.01 -12.34 -11.83
N VAL A 167 -7.48 -11.39 -12.63
CA VAL A 167 -8.61 -11.56 -13.60
C VAL A 167 -8.06 -11.11 -14.96
N PRO A 168 -7.49 -12.07 -15.70
CA PRO A 168 -6.85 -11.74 -16.98
C PRO A 168 -7.79 -10.98 -17.91
N GLU A 169 -9.06 -11.33 -17.95
CA GLU A 169 -9.96 -10.64 -18.88
C GLU A 169 -10.09 -9.15 -18.53
N ALA A 170 -10.10 -8.81 -17.26
CA ALA A 170 -10.16 -7.42 -16.82
C ALA A 170 -8.85 -6.70 -17.17
N VAL A 171 -7.71 -7.40 -16.99
CA VAL A 171 -6.43 -6.78 -17.34
C VAL A 171 -6.45 -6.51 -18.86
N ARG A 172 -6.95 -7.47 -19.64
CA ARG A 172 -7.07 -7.27 -21.11
C ARG A 172 -7.88 -6.03 -21.43
N GLU A 173 -9.08 -5.91 -20.87
CA GLU A 173 -10.01 -4.83 -21.23
C GLU A 173 -9.40 -3.51 -20.81
N PHE A 174 -8.84 -3.40 -19.62
CA PHE A 174 -8.34 -2.10 -19.12
C PHE A 174 -7.06 -1.78 -19.91
N SER A 175 -6.21 -2.76 -20.21
CA SER A 175 -5.03 -2.49 -21.09
C SER A 175 -5.55 -1.91 -22.41
N ARG A 176 -6.54 -2.54 -23.02
CA ARG A 176 -7.07 -2.11 -24.33
C ARG A 176 -7.51 -0.65 -24.28
N THR A 177 -8.26 -0.26 -23.27
CA THR A 177 -8.73 1.11 -23.22
C THR A 177 -7.64 2.08 -22.79
N LEU A 178 -6.61 1.67 -22.07
CA LEU A 178 -5.46 2.58 -21.83
C LEU A 178 -4.63 2.73 -23.09
N PHE A 179 -4.43 1.67 -23.85
CA PHE A 179 -3.58 1.74 -25.06
C PHE A 179 -4.34 2.50 -26.14
N ASN A 180 -5.66 2.63 -26.06
CA ASN A 180 -6.41 3.35 -27.13
C ASN A 180 -6.29 4.87 -26.88
N MET A 181 -5.92 5.29 -25.67
CA MET A 181 -5.82 6.75 -25.35
C MET A 181 -4.54 7.31 -25.95
N ARG A 182 -4.56 8.55 -26.34
CA ARG A 182 -3.32 9.23 -26.80
C ARG A 182 -2.54 9.59 -25.54
N PRO A 183 -1.26 9.20 -25.40
CA PRO A 183 -0.55 9.34 -24.14
C PRO A 183 -0.51 10.75 -23.56
N ASP A 184 -0.50 11.75 -24.42
CA ASP A 184 -0.47 13.13 -23.91
C ASP A 184 -1.81 13.48 -23.27
N ILE A 185 -2.89 12.90 -23.77
CA ILE A 185 -4.22 13.09 -23.13
C ILE A 185 -4.20 12.33 -21.82
N THR A 186 -3.76 11.06 -21.81
CA THR A 186 -3.81 10.33 -20.52
C THR A 186 -3.09 11.17 -19.46
N LEU A 187 -1.92 11.71 -19.83
CA LEU A 187 -1.07 12.40 -18.84
C LEU A 187 -1.82 13.65 -18.40
N PHE A 188 -2.29 14.43 -19.36
CA PHE A 188 -2.93 15.72 -19.01
C PHE A 188 -4.11 15.49 -18.09
N VAL A 189 -4.97 14.55 -18.48
CA VAL A 189 -6.22 14.37 -17.70
C VAL A 189 -5.89 13.74 -16.36
N SER A 190 -4.90 12.84 -16.29
CA SER A 190 -4.50 12.24 -15.01
C SER A 190 -3.96 13.33 -14.09
N ARG A 191 -3.19 14.28 -14.57
CA ARG A 191 -2.68 15.40 -13.75
C ARG A 191 -3.86 16.27 -13.32
N MET A 192 -4.82 16.54 -14.21
CA MET A 192 -5.93 17.46 -13.84
C MET A 192 -6.68 16.77 -12.73
N VAL A 193 -7.03 15.48 -12.87
CA VAL A 193 -7.91 14.79 -11.90
C VAL A 193 -7.15 14.65 -10.58
N PHE A 194 -5.87 14.37 -10.67
CA PHE A 194 -5.06 14.24 -9.46
C PHE A 194 -5.02 15.54 -8.67
N ASN A 195 -5.16 16.69 -9.33
CA ASN A 195 -5.14 18.03 -8.71
C ASN A 195 -6.55 18.45 -8.28
N SER A 196 -7.58 17.67 -8.52
CA SER A 196 -8.97 18.09 -8.19
C SER A 196 -9.18 18.19 -6.68
N ASP A 197 -10.11 19.04 -6.26
CA ASP A 197 -10.46 19.19 -4.84
C ASP A 197 -11.93 19.58 -4.78
N LEU A 198 -12.78 18.64 -4.43
CA LEU A 198 -14.25 18.86 -4.33
C LEU A 198 -14.66 18.94 -2.84
N ARG A 199 -13.73 18.90 -1.90
CA ARG A 199 -14.13 18.79 -0.48
C ARG A 199 -15.10 19.94 -0.12
N GLY A 200 -14.83 21.11 -0.63
CA GLY A 200 -15.63 22.29 -0.19
C GLY A 200 -17.02 22.31 -0.77
N VAL A 201 -17.41 21.40 -1.70
CA VAL A 201 -18.80 21.39 -2.25
C VAL A 201 -19.57 20.17 -1.81
N LEU A 202 -18.96 19.23 -1.10
CA LEU A 202 -19.71 18.00 -0.69
C LEU A 202 -20.98 18.34 0.12
N GLY A 203 -20.91 19.40 0.91
CA GLY A 203 -22.02 19.77 1.78
C GLY A 203 -23.17 20.37 1.00
N LEU A 204 -22.99 20.73 -0.26
CA LEU A 204 -24.04 21.30 -1.10
C LEU A 204 -24.82 20.23 -1.84
N VAL A 205 -24.36 18.98 -1.76
CA VAL A 205 -25.09 17.89 -2.41
C VAL A 205 -26.44 17.79 -1.65
N THR A 206 -27.50 17.59 -2.37
CA THR A 206 -28.82 17.43 -1.75
C THR A 206 -29.45 16.09 -2.06
N VAL A 207 -28.95 15.39 -3.04
CA VAL A 207 -29.56 14.12 -3.49
C VAL A 207 -28.97 13.01 -2.67
N PRO A 208 -29.67 11.89 -2.52
CA PRO A 208 -29.10 10.74 -1.86
C PRO A 208 -27.93 10.15 -2.63
N CYS A 209 -26.98 9.64 -1.86
CA CYS A 209 -25.76 9.02 -2.42
CA CYS A 209 -25.79 9.00 -2.43
C CYS A 209 -25.49 7.67 -1.76
N SER A 210 -25.20 6.65 -2.55
CA SER A 210 -24.59 5.42 -2.05
C SER A 210 -23.10 5.43 -2.40
N VAL A 211 -22.27 5.29 -1.37
CA VAL A 211 -20.81 5.22 -1.58
C VAL A 211 -20.42 3.75 -1.58
N LEU A 212 -20.06 3.20 -2.72
CA LEU A 212 -19.56 1.84 -2.84
C LEU A 212 -18.03 1.96 -2.78
N GLN A 213 -17.45 1.58 -1.70
CA GLN A 213 -16.03 1.83 -1.37
C GLN A 213 -15.23 0.61 -1.79
N THR A 214 -14.32 0.90 -2.72
CA THR A 214 -13.42 -0.08 -3.26
C THR A 214 -12.49 -0.52 -2.13
N SER A 215 -12.04 -1.75 -2.26
CA SER A 215 -11.09 -2.43 -1.35
C SER A 215 -9.71 -2.55 -2.06
N LYS A 216 -8.64 -2.15 -1.37
CA LYS A 216 -7.25 -2.21 -1.90
C LYS A 216 -7.22 -1.53 -3.27
N ASP A 217 -7.90 -0.39 -3.34
CA ASP A 217 -7.81 0.57 -4.45
C ASP A 217 -6.65 1.52 -4.17
N HIS A 218 -5.64 1.43 -5.05
CA HIS A 218 -4.40 2.24 -5.20
C HIS A 218 -4.78 3.74 -4.99
N SER A 219 -5.93 4.16 -5.49
CA SER A 219 -6.27 5.60 -5.60
C SER A 219 -7.13 6.10 -4.42
N VAL A 220 -7.80 5.22 -3.67
CA VAL A 220 -8.74 5.67 -2.62
C VAL A 220 -8.57 4.84 -1.37
N PRO A 221 -8.10 5.45 -0.26
CA PRO A 221 -8.00 4.73 1.00
C PRO A 221 -9.40 4.33 1.51
N GLU A 222 -9.48 3.15 2.16
CA GLU A 222 -10.82 2.64 2.69
C GLU A 222 -11.44 3.65 3.65
N SER A 223 -10.67 4.50 4.33
CA SER A 223 -11.17 5.54 5.24
C SER A 223 -12.01 6.61 4.49
N MET A 224 -11.87 6.69 3.19
CA MET A 224 -12.60 7.75 2.40
C MET A 224 -14.11 7.64 2.54
N ALA A 225 -14.65 6.43 2.64
CA ALA A 225 -16.10 6.24 2.66
C ALA A 225 -16.66 7.00 3.86
N ALA A 226 -16.02 6.85 5.04
CA ALA A 226 -16.44 7.55 6.25
C ALA A 226 -16.39 9.06 6.03
N TYR A 227 -15.36 9.55 5.36
CA TYR A 227 -15.23 11.00 5.10
C TYR A 227 -16.41 11.45 4.25
N LEU A 228 -16.77 10.71 3.21
CA LEU A 228 -17.88 11.13 2.31
C LEU A 228 -19.17 11.05 3.09
N LYS A 229 -19.34 10.02 3.92
CA LYS A 229 -20.63 9.92 4.69
C LYS A 229 -20.77 11.14 5.60
N GLU A 230 -19.70 11.56 6.22
CA GLU A 230 -19.73 12.73 7.16
C GLU A 230 -20.03 14.01 6.36
N ASN A 231 -19.48 14.18 5.16
CA ASN A 231 -19.43 15.51 4.53
C ASN A 231 -20.44 15.69 3.40
N LEU A 232 -20.86 14.64 2.71
CA LEU A 232 -21.96 14.79 1.70
C LEU A 232 -23.22 15.32 2.36
N GLY A 233 -23.85 16.29 1.69
CA GLY A 233 -25.02 16.97 2.27
C GLY A 233 -26.36 16.27 2.18
N GLY A 234 -26.54 15.18 1.47
CA GLY A 234 -27.83 14.47 1.38
C GLY A 234 -27.78 13.20 2.24
N ARG A 235 -28.66 12.28 1.98
CA ARG A 235 -28.73 11.00 2.74
C ARG A 235 -27.69 10.08 2.11
N THR A 236 -26.66 9.74 2.86
CA THR A 236 -25.55 8.93 2.37
C THR A 236 -25.44 7.61 3.09
N THR A 237 -25.34 6.54 2.33
CA THR A 237 -25.06 5.19 2.82
C THR A 237 -23.76 4.68 2.26
N VAL A 238 -23.13 3.86 3.05
CA VAL A 238 -21.81 3.27 2.74
C VAL A 238 -21.96 1.77 2.52
N HIS A 239 -21.34 1.27 1.47
CA HIS A 239 -21.31 -0.19 1.16
C HIS A 239 -19.83 -0.48 0.99
N MET A 240 -19.17 -1.13 1.95
CA MET A 240 -17.77 -1.52 1.76
C MET A 240 -17.73 -2.78 0.88
N LEU A 241 -17.27 -2.67 -0.36
CA LEU A 241 -17.26 -3.80 -1.31
C LEU A 241 -16.29 -4.87 -0.80
N ASP A 242 -16.67 -6.13 -0.97
CA ASP A 242 -15.80 -7.32 -0.71
C ASP A 242 -15.21 -7.75 -2.05
N ILE A 243 -14.82 -6.80 -2.83
CA ILE A 243 -14.22 -7.06 -4.18
C ILE A 243 -12.95 -6.27 -4.13
N GLU A 244 -11.90 -6.82 -4.69
CA GLU A 244 -10.61 -6.11 -4.64
C GLU A 244 -10.49 -5.23 -5.90
N GLY A 245 -9.92 -4.05 -5.72
CA GLY A 245 -9.32 -3.30 -6.77
C GLY A 245 -10.17 -2.11 -7.18
N HIS A 246 -9.58 -1.35 -8.07
CA HIS A 246 -10.09 -0.07 -8.58
C HIS A 246 -11.26 -0.30 -9.55
N LEU A 247 -11.36 -1.47 -10.20
CA LEU A 247 -12.32 -1.65 -11.32
C LEU A 247 -13.28 -2.81 -11.05
N PRO A 248 -14.04 -2.76 -9.92
CA PRO A 248 -14.85 -3.92 -9.56
C PRO A 248 -15.89 -4.27 -10.64
N HIS A 249 -16.39 -3.30 -11.36
CA HIS A 249 -17.34 -3.52 -12.48
C HIS A 249 -16.72 -4.31 -13.62
N LEU A 250 -15.37 -4.28 -13.80
CA LEU A 250 -14.69 -5.18 -14.76
C LEU A 250 -14.34 -6.49 -14.13
N SER A 251 -13.78 -6.49 -12.91
CA SER A 251 -13.11 -7.64 -12.30
C SER A 251 -14.12 -8.57 -11.62
N ALA A 252 -15.24 -8.07 -11.09
CA ALA A 252 -16.23 -8.93 -10.43
C ALA A 252 -17.63 -8.41 -10.73
N PRO A 253 -18.02 -8.40 -12.03
CA PRO A 253 -19.25 -7.73 -12.42
C PRO A 253 -20.49 -8.25 -11.73
N ASN A 254 -20.55 -9.57 -11.51
CA ASN A 254 -21.74 -10.12 -10.83
C ASN A 254 -21.89 -9.57 -9.45
N LEU A 255 -20.83 -9.64 -8.66
CA LEU A 255 -20.90 -9.12 -7.26
C LEU A 255 -21.16 -7.60 -7.28
N LEU A 256 -20.57 -6.86 -8.21
CA LEU A 256 -20.69 -5.39 -8.16
C LEU A 256 -22.13 -5.09 -8.57
N ALA A 257 -22.61 -5.79 -9.62
CA ALA A 257 -24.01 -5.54 -10.05
C ALA A 257 -25.02 -5.79 -8.92
N GLN A 258 -24.77 -6.79 -8.07
CA GLN A 258 -25.75 -7.10 -7.01
C GLN A 258 -25.81 -5.94 -6.03
N GLU A 259 -24.66 -5.31 -5.73
CA GLU A 259 -24.61 -4.13 -4.83
C GLU A 259 -25.27 -2.93 -5.52
N LEU A 260 -24.98 -2.69 -6.80
CA LEU A 260 -25.65 -1.59 -7.50
C LEU A 260 -27.15 -1.73 -7.39
N ARG A 261 -27.68 -2.95 -7.64
CA ARG A 261 -29.14 -3.18 -7.60
C ARG A 261 -29.68 -2.85 -6.19
N ARG A 262 -28.93 -3.20 -5.15
CA ARG A 262 -29.35 -2.94 -3.74
C ARG A 262 -29.40 -1.42 -3.50
N ALA A 263 -28.63 -0.63 -4.24
CA ALA A 263 -28.46 0.82 -3.98
C ALA A 263 -29.47 1.62 -4.79
N LEU A 264 -30.27 1.01 -5.66
CA LEU A 264 -31.21 1.79 -6.49
C LEU A 264 -32.22 2.55 -5.62
N PRO A 265 -32.68 3.71 -6.08
CA PRO A 265 -33.72 4.46 -5.37
C PRO A 265 -35.06 3.75 -5.63
N ARG A 266 -36.18 4.37 -5.27
CA ARG A 266 -37.47 3.86 -5.81
C ARG A 266 -38.37 5.07 -6.09
N MET B 1 6.38 4.97 -7.46
CA MET B 1 5.16 4.14 -7.71
C MET B 1 5.07 3.02 -6.66
N VAL B 2 3.93 2.92 -5.97
CA VAL B 2 3.68 1.82 -5.00
C VAL B 2 3.92 0.46 -5.70
N GLN B 3 3.52 0.32 -6.97
CA GLN B 3 3.91 -0.78 -7.87
C GLN B 3 5.44 -1.01 -7.75
N SER B 4 6.27 0.04 -7.97
CA SER B 4 7.75 -0.07 -7.94
C SER B 4 8.20 -0.42 -6.49
N LEU B 5 7.72 0.23 -5.44
CA LEU B 5 8.17 -0.08 -4.06
C LEU B 5 7.87 -1.54 -3.70
N LEU B 6 6.68 -2.05 -3.99
CA LEU B 6 6.33 -3.46 -3.64
C LEU B 6 7.24 -4.43 -4.42
N GLU B 7 7.59 -4.11 -5.66
CA GLU B 7 8.46 -4.95 -6.48
C GLU B 7 9.89 -4.76 -5.99
N ALA B 8 10.33 -3.52 -5.72
CA ALA B 8 11.75 -3.24 -5.40
C ALA B 8 12.18 -4.00 -4.14
N LEU B 9 11.28 -4.12 -3.16
CA LEU B 9 11.66 -4.68 -1.85
C LEU B 9 11.13 -6.11 -1.71
N ASN B 10 10.66 -6.70 -2.83
CA ASN B 10 10.33 -8.13 -2.93
C ASN B 10 9.22 -8.47 -1.91
N VAL B 11 8.26 -7.59 -1.80
CA VAL B 11 7.14 -7.81 -0.85
C VAL B 11 6.35 -9.06 -1.24
N ARG B 12 5.98 -9.84 -0.26
CA ARG B 12 5.30 -11.11 -0.45
C ARG B 12 4.26 -11.23 0.65
N VAL B 13 3.09 -11.72 0.34
CA VAL B 13 2.08 -12.07 1.38
C VAL B 13 1.69 -13.53 1.13
N VAL B 14 1.85 -14.37 2.14
CA VAL B 14 1.56 -15.82 2.03
C VAL B 14 0.67 -16.19 3.19
N GLY B 15 0.02 -17.34 3.14
CA GLY B 15 -0.80 -17.86 4.25
C GLY B 15 -2.21 -17.32 4.11
N SER B 16 -2.99 -17.55 5.14
CA SER B 16 -4.41 -17.14 5.16
C SER B 16 -4.83 -17.03 6.61
N GLY B 17 -5.89 -16.25 6.84
CA GLY B 17 -6.57 -16.13 8.14
C GLY B 17 -6.76 -14.66 8.49
N GLU B 18 -7.50 -14.41 9.56
CA GLU B 18 -7.80 -13.02 10.00
C GLU B 18 -6.51 -12.35 10.50
N LYS B 19 -5.66 -13.09 11.21
CA LYS B 19 -4.51 -12.48 11.87
C LYS B 19 -3.44 -12.21 10.83
N VAL B 20 -2.71 -11.14 11.07
CA VAL B 20 -1.63 -10.64 10.19
C VAL B 20 -0.33 -10.66 10.98
N LEU B 21 0.73 -11.23 10.38
CA LEU B 21 2.07 -11.34 10.98
C LEU B 21 3.06 -10.75 9.99
N VAL B 22 3.97 -9.88 10.46
CA VAL B 22 4.99 -9.28 9.58
C VAL B 22 6.34 -9.81 10.06
N LEU B 23 7.15 -10.37 9.16
CA LEU B 23 8.50 -10.90 9.50
C LEU B 23 9.53 -10.03 8.81
N ALA B 24 10.37 -9.37 9.61
CA ALA B 24 11.27 -8.33 9.17
C ALA B 24 12.73 -8.68 9.58
N HIS B 25 13.57 -8.91 8.54
CA HIS B 25 14.94 -9.42 8.72
C HIS B 25 15.92 -8.34 9.09
N GLY B 26 17.13 -8.77 9.47
CA GLY B 26 18.19 -7.86 9.91
C GLY B 26 19.28 -7.69 8.87
N VAL B 27 20.23 -6.84 9.15
CA VAL B 27 21.33 -6.61 8.18
C VAL B 27 22.13 -7.89 8.05
N GLY B 28 22.40 -8.22 6.79
CA GLY B 28 23.23 -9.41 6.45
C GLY B 28 22.39 -10.57 6.00
N THR B 29 21.06 -10.51 6.20
CA THR B 29 20.11 -11.56 5.77
C THR B 29 19.15 -10.92 4.77
N ASP B 30 18.18 -11.69 4.32
CA ASP B 30 17.05 -11.17 3.55
C ASP B 30 15.83 -11.98 4.01
N GLN B 31 14.69 -11.79 3.36
CA GLN B 31 13.47 -12.48 3.85
C GLN B 31 13.58 -13.99 3.82
N SER B 32 14.48 -14.57 3.04
CA SER B 32 14.70 -16.04 3.04
C SER B 32 15.12 -16.59 4.38
N ALA B 33 15.57 -15.74 5.27
CA ALA B 33 15.96 -16.19 6.63
C ALA B 33 14.76 -16.72 7.40
N TRP B 34 13.58 -16.32 6.96
CA TRP B 34 12.31 -16.78 7.63
C TRP B 34 11.75 -18.08 7.04
N GLN B 35 12.37 -18.66 6.06
CA GLN B 35 11.74 -19.76 5.30
C GLN B 35 11.30 -20.90 6.21
N ARG B 36 12.11 -21.36 7.18
CA ARG B 36 11.76 -22.52 8.02
C ARG B 36 10.84 -22.13 9.17
N ILE B 37 10.59 -20.83 9.40
CA ILE B 37 9.62 -20.31 10.38
C ILE B 37 8.23 -20.30 9.75
N LEU B 38 8.13 -20.01 8.46
CA LEU B 38 6.83 -19.80 7.81
C LEU B 38 5.85 -20.96 8.03
N PRO B 39 6.23 -22.24 8.00
CA PRO B 39 5.18 -23.28 8.16
C PRO B 39 4.45 -23.30 9.50
N TYR B 40 5.06 -22.68 10.48
CA TYR B 40 4.48 -22.56 11.81
C TYR B 40 3.40 -21.49 11.86
N PHE B 41 3.22 -20.62 10.87
CA PHE B 41 2.35 -19.43 11.02
C PHE B 41 1.37 -19.28 9.88
N VAL B 42 1.66 -19.85 8.71
CA VAL B 42 0.90 -19.54 7.48
C VAL B 42 -0.43 -20.26 7.43
N ARG B 43 -0.75 -21.15 8.40
CA ARG B 43 -2.06 -21.83 8.40
C ARG B 43 -3.08 -21.03 9.21
N ASP B 44 -2.65 -20.01 9.96
CA ASP B 44 -3.63 -19.18 10.69
C ASP B 44 -3.18 -17.72 10.71
N HIS B 45 -2.28 -17.34 9.84
CA HIS B 45 -1.95 -15.92 9.58
C HIS B 45 -1.76 -15.66 8.10
N ARG B 46 -2.10 -14.44 7.65
CA ARG B 46 -1.49 -13.85 6.44
C ARG B 46 -0.14 -13.28 6.90
N VAL B 47 0.93 -13.74 6.29
CA VAL B 47 2.32 -13.44 6.69
C VAL B 47 2.86 -12.51 5.61
N VAL B 48 3.28 -11.33 6.05
CA VAL B 48 3.96 -10.34 5.18
C VAL B 48 5.48 -10.44 5.32
N LEU B 49 6.15 -10.55 4.18
CA LEU B 49 7.62 -10.55 4.17
C LEU B 49 8.09 -9.43 3.25
N TYR B 50 9.20 -8.84 3.59
CA TYR B 50 9.87 -7.90 2.66
C TYR B 50 11.34 -7.84 2.90
N ASP B 51 12.08 -7.33 1.92
CA ASP B 51 13.51 -7.14 2.11
C ASP B 51 13.81 -5.68 2.42
N LEU B 52 14.67 -5.47 3.38
CA LEU B 52 15.27 -4.14 3.59
C LEU B 52 15.98 -3.69 2.30
N VAL B 53 16.02 -2.39 2.09
CA VAL B 53 16.66 -1.85 0.86
C VAL B 53 18.12 -2.29 0.78
N CYS B 54 18.76 -2.61 1.88
CA CYS B 54 20.17 -3.07 1.91
C CYS B 54 20.37 -4.57 1.63
N ALA B 55 19.32 -5.35 1.49
CA ALA B 55 19.47 -6.81 1.21
C ALA B 55 20.18 -6.98 -0.13
N GLY B 56 20.93 -8.07 -0.25
CA GLY B 56 21.61 -8.38 -1.51
C GLY B 56 20.63 -8.76 -2.62
N SER B 57 19.43 -9.12 -2.22
CA SER B 57 18.33 -9.51 -3.13
C SER B 57 17.63 -8.28 -3.70
N VAL B 58 18.02 -7.08 -3.32
CA VAL B 58 17.43 -5.83 -3.78
C VAL B 58 18.48 -5.19 -4.72
N ASN B 59 17.98 -4.60 -5.78
CA ASN B 59 18.85 -3.94 -6.76
C ASN B 59 19.71 -2.93 -6.03
N PRO B 60 21.06 -3.02 -6.04
CA PRO B 60 21.88 -2.06 -5.30
C PRO B 60 21.70 -0.62 -5.78
N ASP B 61 21.12 -0.42 -6.94
CA ASP B 61 20.89 0.95 -7.46
C ASP B 61 19.68 1.55 -6.75
N TYR B 62 18.86 0.78 -6.04
CA TYR B 62 17.80 1.38 -5.19
C TYR B 62 18.43 1.88 -3.88
N PHE B 63 19.68 1.57 -3.56
CA PHE B 63 20.31 2.03 -2.30
C PHE B 63 20.79 3.44 -2.48
N ASP B 64 19.98 4.40 -2.05
CA ASP B 64 20.34 5.84 -2.21
C ASP B 64 21.04 6.34 -0.93
N PHE B 65 22.35 6.45 -0.95
CA PHE B 65 23.15 6.81 0.25
C PHE B 65 22.78 8.21 0.76
N ARG B 66 22.15 9.05 -0.05
CA ARG B 66 21.72 10.38 0.44
C ARG B 66 20.49 10.21 1.32
N ARG B 67 19.73 9.14 1.11
CA ARG B 67 18.40 8.97 1.72
C ARG B 67 18.51 8.07 2.93
N TYR B 68 19.26 6.97 2.85
CA TYR B 68 19.31 5.97 3.94
C TYR B 68 20.42 6.31 4.95
N THR B 69 20.39 7.51 5.54
CA THR B 69 21.41 7.95 6.52
C THR B 69 20.97 7.78 7.97
N SER B 70 19.75 7.32 8.19
CA SER B 70 19.20 7.12 9.55
C SER B 70 18.16 6.00 9.48
N LEU B 71 17.76 5.47 10.62
CA LEU B 71 16.75 4.40 10.64
C LEU B 71 15.42 4.92 10.14
N ASP B 72 15.18 6.25 10.24
CA ASP B 72 13.85 6.80 9.86
C ASP B 72 13.53 6.55 8.39
N ALA B 73 14.53 6.45 7.53
CA ALA B 73 14.29 6.20 6.10
C ALA B 73 13.85 4.73 5.91
N PHE B 74 14.29 3.83 6.76
CA PHE B 74 13.87 2.39 6.72
C PHE B 74 12.45 2.34 7.29
N VAL B 75 12.15 3.13 8.34
CA VAL B 75 10.76 3.22 8.90
C VAL B 75 9.81 3.67 7.78
N ASP B 76 10.20 4.66 7.01
CA ASP B 76 9.34 5.14 5.88
C ASP B 76 8.96 4.01 4.93
N ASP B 77 9.92 3.17 4.60
CA ASP B 77 9.62 2.03 3.68
C ASP B 77 8.66 1.05 4.34
N LEU B 78 8.89 0.70 5.61
CA LEU B 78 8.02 -0.29 6.29
C LEU B 78 6.59 0.25 6.29
N LEU B 79 6.41 1.48 6.70
CA LEU B 79 5.03 2.04 6.81
C LEU B 79 4.41 2.15 5.42
N ALA B 80 5.18 2.50 4.40
CA ALA B 80 4.62 2.62 3.06
C ALA B 80 4.13 1.23 2.60
N ILE B 81 4.90 0.18 2.87
CA ILE B 81 4.46 -1.19 2.49
C ILE B 81 3.18 -1.56 3.25
N LEU B 82 3.13 -1.31 4.55
CA LEU B 82 1.93 -1.72 5.35
C LEU B 82 0.71 -0.94 4.87
N ASP B 83 0.89 0.35 4.56
CA ASP B 83 -0.25 1.15 4.00
C ASP B 83 -0.70 0.59 2.66
N ALA B 84 0.24 0.21 1.81
CA ALA B 84 -0.06 -0.29 0.46
C ALA B 84 -0.81 -1.62 0.54
N LEU B 85 -0.50 -2.48 1.51
CA LEU B 85 -1.07 -3.85 1.54
C LEU B 85 -2.47 -3.84 2.18
N ARG B 86 -2.73 -2.82 3.00
CA ARG B 86 -4.08 -2.52 3.55
C ARG B 86 -4.51 -3.70 4.43
N LEU B 87 -3.59 -4.39 5.11
CA LEU B 87 -4.01 -5.58 5.90
C LEU B 87 -4.39 -5.12 7.29
N GLY B 88 -4.02 -3.88 7.64
CA GLY B 88 -4.37 -3.28 8.95
C GLY B 88 -3.57 -3.89 10.11
N ARG B 89 -4.18 -3.85 11.27
CA ARG B 89 -3.49 -4.13 12.55
C ARG B 89 -2.81 -5.49 12.52
N CYS B 90 -1.53 -5.54 12.90
CA CYS B 90 -0.71 -6.75 12.70
C CYS B 90 0.24 -7.00 13.86
N THR B 91 0.71 -8.23 13.97
CA THR B 91 1.84 -8.53 14.87
C THR B 91 3.11 -8.39 14.03
N TYR B 92 4.11 -7.66 14.53
CA TYR B 92 5.37 -7.43 13.80
C TYR B 92 6.53 -8.06 14.54
N VAL B 93 7.32 -8.87 13.83
CA VAL B 93 8.50 -9.60 14.34
C VAL B 93 9.67 -8.93 13.64
N GLY B 94 10.54 -8.32 14.43
CA GLY B 94 11.72 -7.65 13.87
C GLY B 94 12.99 -8.25 14.47
N HIS B 95 13.91 -8.69 13.60
CA HIS B 95 15.24 -9.21 13.95
C HIS B 95 16.26 -8.06 13.87
N SER B 96 17.00 -7.90 14.94
CA SER B 96 18.16 -6.98 15.08
C SER B 96 17.75 -5.58 14.59
N VAL B 97 18.30 -5.05 13.48
CA VAL B 97 17.92 -3.69 13.04
C VAL B 97 16.41 -3.56 12.90
N SER B 98 15.73 -4.60 12.43
CA SER B 98 14.27 -4.50 12.22
C SER B 98 13.56 -4.46 13.56
N ALA B 99 14.17 -4.88 14.68
CA ALA B 99 13.51 -4.60 15.99
C ALA B 99 13.49 -3.08 16.20
N SER B 100 14.60 -2.41 15.93
CA SER B 100 14.69 -0.92 16.06
C SER B 100 13.68 -0.23 15.12
N ILE B 101 13.66 -0.66 13.85
CA ILE B 101 12.70 -0.08 12.84
C ILE B 101 11.29 -0.26 13.37
N GLY B 102 10.96 -1.44 13.91
CA GLY B 102 9.61 -1.72 14.42
C GLY B 102 9.25 -0.80 15.61
N ILE B 103 10.20 -0.61 16.53
CA ILE B 103 9.99 0.30 17.69
C ILE B 103 9.62 1.71 17.14
N LEU B 104 10.39 2.23 16.19
CA LEU B 104 10.16 3.58 15.65
C LEU B 104 8.84 3.63 14.86
N ALA B 105 8.54 2.62 14.08
CA ALA B 105 7.30 2.58 13.28
C ALA B 105 6.09 2.59 14.21
N SER B 106 6.21 1.89 15.34
CA SER B 106 5.12 1.72 16.33
C SER B 106 4.80 3.02 17.03
N ILE B 107 5.77 3.90 17.15
CA ILE B 107 5.50 5.21 17.76
C ILE B 107 4.78 6.10 16.74
N ARG B 108 5.18 6.09 15.47
CA ARG B 108 4.56 6.86 14.40
C ARG B 108 3.13 6.35 14.18
N ARG B 109 2.93 5.04 14.20
CA ARG B 109 1.66 4.40 13.77
C ARG B 109 1.26 3.28 14.73
N PRO B 110 0.96 3.57 16.02
CA PRO B 110 0.59 2.52 16.96
C PRO B 110 -0.67 1.74 16.52
N ASP B 111 -1.55 2.38 15.76
CA ASP B 111 -2.80 1.81 15.20
C ASP B 111 -2.53 0.48 14.48
N LEU B 112 -1.39 0.44 13.78
CA LEU B 112 -1.01 -0.67 12.86
C LEU B 112 -0.53 -1.88 13.64
N PHE B 113 -0.09 -1.76 14.89
CA PHE B 113 0.65 -2.86 15.59
C PHE B 113 -0.08 -3.35 16.84
N ALA B 114 -0.61 -4.57 16.78
CA ALA B 114 -1.18 -5.26 17.93
C ALA B 114 -0.04 -5.50 18.92
N LYS B 115 1.14 -5.87 18.40
CA LYS B 115 2.24 -6.27 19.28
C LYS B 115 3.55 -6.24 18.51
N LEU B 116 4.67 -5.96 19.16
CA LEU B 116 6.02 -6.12 18.56
C LEU B 116 6.68 -7.29 19.23
N ILE B 117 7.29 -8.17 18.45
CA ILE B 117 8.09 -9.25 18.95
C ILE B 117 9.51 -8.99 18.46
N LEU B 118 10.44 -8.81 19.40
CA LEU B 118 11.76 -8.24 19.11
C LEU B 118 12.75 -9.37 19.28
N ILE B 119 13.55 -9.67 18.28
CA ILE B 119 14.62 -10.71 18.40
C ILE B 119 15.97 -10.02 18.22
N GLY B 120 16.91 -10.17 19.18
CA GLY B 120 18.21 -9.56 18.92
C GLY B 120 18.15 -8.06 19.03
N ALA B 121 17.24 -7.52 19.84
CA ALA B 121 17.04 -6.06 19.88
C ALA B 121 18.15 -5.38 20.71
N SER B 122 18.60 -4.23 20.26
CA SER B 122 19.42 -3.24 21.03
C SER B 122 19.11 -1.83 20.60
N PRO B 123 18.98 -0.87 21.55
CA PRO B 123 18.72 0.53 21.22
C PRO B 123 20.02 1.33 20.96
N ARG B 124 21.13 0.73 21.31
CA ARG B 124 22.45 1.39 21.18
C ARG B 124 23.54 0.35 21.50
N PHE B 125 24.51 0.21 20.63
CA PHE B 125 25.61 -0.79 20.80
C PHE B 125 26.76 -0.24 21.63
N LEU B 126 27.05 1.06 21.52
CA LEU B 126 28.16 1.70 22.26
C LEU B 126 27.79 1.89 23.73
N ASN B 127 28.75 1.65 24.61
CA ASN B 127 28.58 1.97 26.05
C ASN B 127 28.32 3.47 26.20
N ASP B 128 27.60 3.88 27.24
CA ASP B 128 27.48 5.32 27.60
C ASP B 128 27.57 5.35 29.12
N LYS B 129 27.63 6.52 29.73
CA LYS B 129 27.47 6.70 31.20
C LYS B 129 26.40 5.72 31.68
N ASN B 130 26.81 4.70 32.43
CA ASN B 130 25.91 3.75 33.14
C ASN B 130 24.98 3.02 32.17
N TYR B 131 25.33 2.94 30.90
CA TYR B 131 24.56 2.13 29.89
C TYR B 131 25.48 1.07 29.34
N HIS B 132 25.11 -0.20 29.44
CA HIS B 132 25.92 -1.31 28.86
C HIS B 132 25.37 -1.74 27.47
N GLY B 133 25.99 -1.31 26.36
CA GLY B 133 25.57 -1.74 24.99
C GLY B 133 26.39 -2.92 24.52
N GLY B 134 27.62 -3.08 25.03
CA GLY B 134 28.46 -4.23 24.67
C GLY B 134 29.76 -3.84 24.00
N PHE B 135 29.89 -2.60 23.56
CA PHE B 135 31.04 -2.14 22.74
C PHE B 135 31.65 -0.88 23.33
N ALA B 136 32.96 -0.91 23.56
CA ALA B 136 33.76 0.24 24.01
C ALA B 136 34.08 1.12 22.81
N ASP B 137 34.38 2.40 23.05
CA ASP B 137 34.82 3.34 22.00
C ASP B 137 36.06 2.72 21.33
N GLY B 138 36.06 2.62 19.99
CA GLY B 138 37.20 2.11 19.21
C GLY B 138 37.07 0.62 18.95
N GLU B 139 36.29 -0.12 19.72
CA GLU B 139 36.32 -1.61 19.67
C GLU B 139 35.81 -2.08 18.29
N ILE B 140 34.81 -1.40 17.73
CA ILE B 140 34.20 -1.86 16.43
C ILE B 140 35.18 -1.57 15.27
N ASP B 141 36.13 -0.67 15.45
CA ASP B 141 36.96 -0.14 14.34
C ASP B 141 37.60 -1.31 13.59
N THR B 142 38.07 -2.33 14.34
CA THR B 142 38.79 -3.50 13.77
C THR B 142 37.86 -4.23 12.80
N VAL B 143 36.58 -4.29 13.14
CA VAL B 143 35.57 -5.04 12.33
C VAL B 143 35.33 -4.28 11.03
N PHE B 144 35.12 -2.96 11.09
CA PHE B 144 34.83 -2.17 9.87
C PHE B 144 36.07 -2.16 9.00
N ALA B 145 37.28 -2.11 9.60
CA ALA B 145 38.51 -2.16 8.81
C ALA B 145 38.61 -3.50 8.07
N ALA B 146 38.28 -4.61 8.73
CA ALA B 146 38.44 -5.97 8.15
C ALA B 146 37.40 -6.14 7.02
N MET B 147 36.22 -5.63 7.24
CA MET B 147 35.13 -5.66 6.27
C MET B 147 35.61 -4.93 4.99
N GLU B 148 36.14 -3.73 5.13
CA GLU B 148 36.55 -2.94 3.94
C GLU B 148 37.82 -3.54 3.30
N ALA B 149 38.76 -4.09 4.09
CA ALA B 149 40.01 -4.66 3.56
C ALA B 149 39.83 -5.95 2.79
N ASN B 150 38.98 -6.86 3.24
CA ASN B 150 38.97 -8.24 2.72
C ASN B 150 37.61 -8.79 3.11
N TYR B 151 36.62 -8.40 2.33
CA TYR B 151 35.23 -8.73 2.66
C TYR B 151 35.12 -10.25 2.76
N ALA B 152 35.68 -11.02 1.84
CA ALA B 152 35.49 -12.49 1.90
C ALA B 152 36.12 -13.16 3.12
N ALA B 153 37.29 -12.71 3.54
CA ALA B 153 37.90 -13.22 4.79
C ALA B 153 37.02 -12.78 5.95
N TRP B 154 36.44 -11.58 5.90
CA TRP B 154 35.61 -11.08 7.02
C TRP B 154 34.39 -11.97 7.13
N VAL B 155 33.70 -12.22 6.01
CA VAL B 155 32.47 -13.07 6.05
C VAL B 155 32.83 -14.44 6.65
N SER B 156 33.90 -15.02 6.20
CA SER B 156 34.30 -16.41 6.55
C SER B 156 34.47 -16.55 8.05
N GLY B 157 34.93 -15.50 8.72
CA GLY B 157 35.14 -15.49 10.18
C GLY B 157 33.88 -15.09 10.91
N PHE B 158 33.15 -14.09 10.36
CA PHE B 158 32.00 -13.49 11.04
C PHE B 158 30.77 -14.40 10.99
N ALA B 159 30.50 -15.09 9.89
CA ALA B 159 29.25 -15.87 9.75
C ALA B 159 29.17 -16.98 10.79
N PRO B 160 30.21 -17.78 11.03
CA PRO B 160 30.18 -18.77 12.13
C PRO B 160 29.97 -18.15 13.51
N LEU B 161 30.56 -16.97 13.76
CA LEU B 161 30.43 -16.24 15.06
C LEU B 161 28.97 -15.83 15.25
N ALA B 162 28.38 -15.17 14.25
CA ALA B 162 26.99 -14.68 14.27
C ALA B 162 26.04 -15.87 14.44
N VAL B 163 26.27 -16.99 13.78
CA VAL B 163 25.39 -18.16 13.91
C VAL B 163 25.57 -18.73 15.31
N GLY B 164 26.79 -18.78 15.79
CA GLY B 164 27.17 -19.22 17.15
C GLY B 164 27.21 -20.72 17.23
N ALA B 165 26.05 -21.38 17.20
CA ALA B 165 25.90 -22.84 17.27
C ALA B 165 26.61 -23.48 16.08
N ASP B 166 27.01 -24.74 16.17
CA ASP B 166 27.63 -25.46 15.02
C ASP B 166 26.53 -25.96 14.07
N VAL B 167 26.04 -25.09 13.21
CA VAL B 167 24.90 -25.36 12.30
C VAL B 167 25.33 -24.93 10.91
N PRO B 168 26.01 -25.85 10.20
CA PRO B 168 26.57 -25.52 8.88
C PRO B 168 25.53 -24.95 7.93
N GLU B 169 24.30 -25.46 7.94
CA GLU B 169 23.30 -24.91 7.02
C GLU B 169 23.04 -23.42 7.30
N ALA B 170 22.97 -23.04 8.57
CA ALA B 170 22.81 -21.62 8.92
C ALA B 170 24.05 -20.81 8.48
N VAL B 171 25.22 -21.36 8.67
CA VAL B 171 26.48 -20.65 8.22
C VAL B 171 26.34 -20.43 6.71
N ARG B 172 25.93 -21.48 6.00
CA ARG B 172 25.82 -21.38 4.54
C ARG B 172 24.80 -20.30 4.19
N GLU B 173 23.61 -20.29 4.78
CA GLU B 173 22.58 -19.33 4.40
C GLU B 173 23.05 -17.90 4.73
N PHE B 174 23.62 -17.67 5.90
CA PHE B 174 23.99 -16.31 6.31
C PHE B 174 25.16 -15.88 5.39
N SER B 175 26.13 -16.76 5.14
CA SER B 175 27.29 -16.47 4.24
C SER B 175 26.69 -16.03 2.88
N ARG B 176 25.73 -16.80 2.37
CA ARG B 176 25.09 -16.46 1.07
C ARG B 176 24.53 -15.02 1.08
N THR B 177 23.74 -14.64 2.08
CA THR B 177 23.10 -13.33 2.07
C THR B 177 24.14 -12.24 2.39
N LEU B 178 25.20 -12.54 3.10
CA LEU B 178 26.31 -11.54 3.28
C LEU B 178 27.05 -11.35 1.98
N PHE B 179 27.35 -12.44 1.25
CA PHE B 179 28.16 -12.28 0.01
C PHE B 179 27.30 -11.65 -1.08
N ASN B 180 25.96 -11.72 -0.97
CA ASN B 180 25.11 -11.08 -2.01
C ASN B 180 25.06 -9.56 -1.82
N MET B 181 25.43 -9.06 -0.65
CA MET B 181 25.41 -7.60 -0.39
C MET B 181 26.61 -6.94 -1.06
N ARG B 182 26.39 -5.78 -1.62
CA ARG B 182 27.52 -5.00 -2.15
C ARG B 182 28.31 -4.45 -0.97
N PRO B 183 29.63 -4.77 -0.85
CA PRO B 183 30.35 -4.48 0.38
C PRO B 183 30.30 -3.02 0.83
N ASP B 184 30.20 -2.06 -0.09
CA ASP B 184 30.09 -0.63 0.31
C ASP B 184 28.74 -0.39 1.03
N ILE B 185 27.69 -1.11 0.63
CA ILE B 185 26.38 -1.01 1.29
C ILE B 185 26.53 -1.68 2.66
N THR B 186 27.10 -2.90 2.74
CA THR B 186 27.27 -3.55 4.05
C THR B 186 27.89 -2.54 5.00
N LEU B 187 29.00 -1.95 4.57
CA LEU B 187 29.78 -1.07 5.46
C LEU B 187 29.00 0.19 5.84
N PHE B 188 28.36 0.85 4.88
CA PHE B 188 27.65 2.13 5.16
C PHE B 188 26.51 1.84 6.17
N VAL B 189 25.75 0.78 5.89
CA VAL B 189 24.53 0.50 6.68
C VAL B 189 25.01 0.07 8.05
N SER B 190 26.04 -0.75 8.11
CA SER B 190 26.50 -1.30 9.40
C SER B 190 27.00 -0.16 10.27
N ARG B 191 27.74 0.81 9.71
CA ARG B 191 28.15 2.00 10.48
C ARG B 191 26.90 2.74 10.96
N MET B 192 25.95 2.98 10.08
CA MET B 192 24.78 3.87 10.37
C MET B 192 23.98 3.24 11.49
N VAL B 193 23.84 1.93 11.48
CA VAL B 193 23.06 1.22 12.55
CA VAL B 193 23.07 1.23 12.55
C VAL B 193 23.91 1.20 13.83
N PHE B 194 25.19 0.93 13.69
CA PHE B 194 26.06 0.75 14.88
C PHE B 194 26.08 2.04 15.68
N ASN B 195 26.01 3.19 15.00
CA ASN B 195 26.06 4.51 15.67
C ASN B 195 24.66 5.03 16.07
N SER B 196 23.59 4.30 15.77
CA SER B 196 22.26 4.81 16.13
C SER B 196 22.03 4.65 17.63
N ASP B 197 21.29 5.60 18.18
CA ASP B 197 20.90 5.58 19.61
C ASP B 197 19.42 5.88 19.65
N LEU B 198 18.65 4.85 20.00
CA LEU B 198 17.19 4.87 20.17
C LEU B 198 16.80 4.88 21.65
N ARG B 199 17.71 4.91 22.61
CA ARG B 199 17.28 4.82 24.02
C ARG B 199 16.17 5.86 24.33
N GLY B 200 16.22 7.08 23.78
CA GLY B 200 15.24 8.11 24.17
C GLY B 200 13.83 7.85 23.66
N VAL B 201 13.60 6.92 22.74
CA VAL B 201 12.24 6.70 22.21
C VAL B 201 11.64 5.53 23.02
N LEU B 202 12.40 4.76 23.81
CA LEU B 202 11.81 3.49 24.37
C LEU B 202 10.59 3.75 25.24
N GLY B 203 10.66 4.87 26.00
CA GLY B 203 9.57 5.25 26.88
C GLY B 203 8.34 5.73 26.12
N LEU B 204 8.47 6.06 24.84
CA LEU B 204 7.34 6.52 24.00
C LEU B 204 6.54 5.35 23.45
N VAL B 205 7.09 4.15 23.52
CA VAL B 205 6.39 2.96 22.97
C VAL B 205 5.10 2.74 23.76
N THR B 206 4.01 2.48 23.07
CA THR B 206 2.72 2.20 23.77
C THR B 206 2.28 0.78 23.45
N VAL B 207 2.73 0.20 22.34
CA VAL B 207 2.18 -1.14 21.95
C VAL B 207 2.89 -2.21 22.81
N PRO B 208 2.27 -3.33 23.13
CA PRO B 208 2.96 -4.35 23.89
C PRO B 208 4.11 -4.97 23.06
N CYS B 209 5.11 -5.34 23.79
CA CYS B 209 6.35 -5.91 23.22
CA CYS B 209 6.32 -5.91 23.21
C CYS B 209 6.71 -7.22 23.91
N SER B 210 7.05 -8.25 23.13
CA SER B 210 7.79 -9.38 23.68
C SER B 210 9.25 -9.26 23.22
N VAL B 211 10.13 -9.35 24.18
CA VAL B 211 11.59 -9.28 23.97
C VAL B 211 12.09 -10.73 23.97
N LEU B 212 12.49 -11.25 22.81
CA LEU B 212 13.05 -12.60 22.75
C LEU B 212 14.57 -12.41 22.72
N GLN B 213 15.21 -12.67 23.86
CA GLN B 213 16.59 -12.25 24.12
C GLN B 213 17.49 -13.36 23.67
N THR B 214 18.32 -13.05 22.68
CA THR B 214 19.31 -13.99 22.17
C THR B 214 20.30 -14.30 23.28
N SER B 215 20.87 -15.48 23.19
CA SER B 215 21.92 -16.01 24.09
C SER B 215 23.30 -16.00 23.36
N LYS B 216 24.32 -15.49 24.06
CA LYS B 216 25.72 -15.41 23.55
C LYS B 216 25.70 -14.75 22.17
N ASP B 217 24.92 -13.70 22.03
CA ASP B 217 24.84 -12.88 20.81
C ASP B 217 25.96 -11.83 20.87
N HIS B 218 26.90 -11.92 19.93
CA HIS B 218 28.06 -11.02 19.80
C HIS B 218 27.57 -9.57 19.90
N SER B 219 26.36 -9.26 19.44
CA SER B 219 25.92 -7.86 19.21
C SER B 219 25.15 -7.32 20.42
N VAL B 220 24.62 -8.17 21.25
CA VAL B 220 23.64 -7.81 22.31
C VAL B 220 23.95 -8.59 23.58
N PRO B 221 24.33 -7.92 24.68
CA PRO B 221 24.52 -8.61 25.97
C PRO B 221 23.10 -9.06 26.50
N GLU B 222 23.06 -10.22 27.20
CA GLU B 222 21.84 -10.82 27.85
C GLU B 222 21.26 -9.79 28.80
N SER B 223 22.06 -8.86 29.37
CA SER B 223 21.55 -7.77 30.26
C SER B 223 20.57 -6.83 29.53
N MET B 224 20.60 -6.80 28.19
CA MET B 224 19.71 -5.92 27.44
C MET B 224 18.24 -6.22 27.71
N ALA B 225 17.86 -7.46 27.91
CA ALA B 225 16.42 -7.77 28.06
C ALA B 225 15.88 -7.03 29.27
N ALA B 226 16.58 -7.05 30.36
CA ALA B 226 16.14 -6.35 31.59
C ALA B 226 16.07 -4.85 31.29
N TYR B 227 17.04 -4.30 30.54
CA TYR B 227 17.09 -2.87 30.18
C TYR B 227 15.83 -2.54 29.38
N LEU B 228 15.45 -3.37 28.43
CA LEU B 228 14.29 -3.09 27.55
C LEU B 228 13.05 -3.25 28.42
N LYS B 229 13.00 -4.25 29.29
CA LYS B 229 11.77 -4.44 30.10
C LYS B 229 11.62 -3.20 31.03
N GLU B 230 12.70 -2.63 31.52
CA GLU B 230 12.66 -1.45 32.44
C GLU B 230 12.26 -0.21 31.64
N ASN B 231 12.68 -0.05 30.36
CA ASN B 231 12.58 1.27 29.70
C ASN B 231 11.50 1.30 28.62
N LEU B 232 11.07 0.18 28.04
CA LEU B 232 10.00 0.24 27.01
C LEU B 232 8.72 0.74 27.70
N GLY B 233 7.96 1.63 27.03
CA GLY B 233 6.76 2.26 27.57
C GLY B 233 5.48 1.45 27.59
N GLY B 234 5.37 0.33 26.92
CA GLY B 234 4.13 -0.50 26.89
C GLY B 234 4.24 -1.68 27.83
N ARG B 235 3.36 -2.64 27.65
CA ARG B 235 3.42 -3.90 28.43
C ARG B 235 4.50 -4.78 27.77
N THR B 236 5.55 -5.10 28.51
CA THR B 236 6.70 -5.81 27.97
C THR B 236 6.90 -7.14 28.70
N THR B 237 7.02 -8.21 27.96
N THR B 237 7.04 -8.22 27.95
CA THR B 237 7.48 -9.48 28.53
CA THR B 237 7.31 -9.60 28.42
C THR B 237 8.84 -9.84 27.92
C THR B 237 8.70 -10.03 27.86
N VAL B 238 9.59 -10.58 28.71
CA VAL B 238 10.92 -11.10 28.32
C VAL B 238 10.82 -12.61 28.19
N HIS B 239 11.46 -13.13 27.15
CA HIS B 239 11.58 -14.58 26.88
C HIS B 239 13.09 -14.78 26.67
N MET B 240 13.82 -15.36 27.64
CA MET B 240 15.28 -15.54 27.44
C MET B 240 15.43 -16.80 26.57
N LEU B 241 15.86 -16.69 25.30
CA LEU B 241 15.94 -17.90 24.44
C LEU B 241 17.04 -18.85 24.92
N ASP B 242 16.77 -20.16 24.85
CA ASP B 242 17.73 -21.27 25.07
C ASP B 242 18.25 -21.71 23.68
N ILE B 243 18.56 -20.75 22.89
CA ILE B 243 19.14 -20.98 21.55
C ILE B 243 20.32 -20.06 21.55
N GLU B 244 21.44 -20.50 21.01
CA GLU B 244 22.65 -19.64 21.01
C GLU B 244 22.72 -18.87 19.68
N GLY B 245 23.14 -17.64 19.79
CA GLY B 245 23.57 -16.84 18.65
C GLY B 245 22.64 -15.77 18.23
N HIS B 246 23.09 -15.06 17.22
CA HIS B 246 22.42 -13.87 16.69
C HIS B 246 21.25 -14.26 15.85
N LEU B 247 21.21 -15.46 15.28
CA LEU B 247 20.27 -15.79 14.20
C LEU B 247 19.42 -17.01 14.55
N PRO B 248 18.64 -16.97 15.64
CA PRO B 248 17.99 -18.19 16.12
C PRO B 248 16.97 -18.70 15.11
N HIS B 249 16.39 -17.82 14.32
CA HIS B 249 15.44 -18.22 13.25
C HIS B 249 16.11 -19.03 12.13
N LEU B 250 17.40 -18.85 11.93
CA LEU B 250 18.16 -19.73 10.99
C LEU B 250 18.66 -20.94 11.71
N SER B 251 19.27 -20.78 12.88
CA SER B 251 20.02 -21.86 13.56
C SER B 251 19.11 -22.86 14.24
N ALA B 252 18.01 -22.45 14.82
CA ALA B 252 17.11 -23.37 15.57
C ALA B 252 15.67 -23.04 15.29
N PRO B 253 15.22 -23.15 14.02
CA PRO B 253 13.93 -22.60 13.66
C PRO B 253 12.72 -23.16 14.39
N ASN B 254 12.72 -24.46 14.65
CA ASN B 254 11.56 -25.11 15.34
C ASN B 254 11.45 -24.50 16.75
N LEU B 255 12.55 -24.47 17.50
CA LEU B 255 12.51 -23.89 18.86
C LEU B 255 12.15 -22.39 18.79
N LEU B 256 12.69 -21.64 17.82
CA LEU B 256 12.42 -20.17 17.79
C LEU B 256 10.95 -20.00 17.44
N ALA B 257 10.46 -20.82 16.50
CA ALA B 257 9.03 -20.68 16.12
C ALA B 257 8.11 -20.98 17.31
N GLN B 258 8.47 -21.92 18.15
CA GLN B 258 7.66 -22.26 19.36
C GLN B 258 7.60 -21.06 20.28
N GLU B 259 8.71 -20.32 20.43
CA GLU B 259 8.70 -19.11 21.30
C GLU B 259 7.92 -18.00 20.62
N LEU B 260 8.07 -17.81 19.31
CA LEU B 260 7.30 -16.79 18.59
C LEU B 260 5.84 -17.04 18.82
N ARG B 261 5.39 -18.30 18.71
CA ARG B 261 3.97 -18.65 18.80
C ARG B 261 3.46 -18.27 20.20
N ARG B 262 4.32 -18.51 21.20
CA ARG B 262 3.88 -18.23 22.60
C ARG B 262 3.78 -16.71 22.77
N ALA B 263 4.49 -15.92 21.96
CA ALA B 263 4.52 -14.46 22.12
C ALA B 263 3.39 -13.75 21.36
N LEU B 264 2.67 -14.44 20.49
CA LEU B 264 1.61 -13.79 19.70
C LEU B 264 0.51 -13.27 20.62
N PRO B 265 -0.15 -12.19 20.24
CA PRO B 265 -1.27 -11.66 21.05
C PRO B 265 -2.51 -12.55 20.89
N ARG B 266 -3.58 -12.22 21.63
CA ARG B 266 -4.96 -12.76 21.37
C ARG B 266 -4.87 -14.30 21.32
#